data_5I3W
#
_entry.id   5I3W
#
_cell.length_a   101.660
_cell.length_b   101.660
_cell.length_c   172.357
_cell.angle_alpha   90.000
_cell.angle_beta   90.000
_cell.angle_gamma   120.000
#
_symmetry.space_group_name_H-M   'P 61 2 2'
#
loop_
_entity.id
_entity.type
_entity.pdbx_description
1 polymer 'Beta-secretase 1'
2 non-polymer 'IODIDE ION'
3 non-polymer GLYCEROL
4 non-polymer 'SULFATE ION'
5 non-polymer "N-[(5S)-2'-amino-3-(5,6-dihydro-2H-pyran-3-yl)-5'H-spiro[1-benzopyrano[2,3-c]pyridine-5,4'-[1,3]oxazol]-7-yl]-5-chloropyridine-2-carboxamide"
6 water water
#
_entity_poly.entity_id   1
_entity_poly.type   'polypeptide(L)'
_entity_poly.pdbx_seq_one_letter_code
;LPRETDEEPEEPGKKGSFVEMVDNLRGKSGQGYYVEMTVGSPPQTLNILVDTGSSNFAVGAAPHPFLHRYYQRQLSSTYR
DLRKGVYVPYTQGKWEGELGTDLVSIPHGPNVTVRANIAAITESDKFFINGSNWEGILGLAYAEIARPDDSLEPFFDSLV
KQTHVPNLFSLQLCGAGFPLNQSEVLASVGGSMIIGGIDHSLYTGSLWYTPIRREWYYEVIIVRVEINGQDLKMDCKEYN
YDKSIVDSGTTNLRLPKKVFEAAVKSIKAASSTEKFPDGFWLGEQLVCWQAGTTPWNIFPVISLYLMGEVTNQSFRITIL
PQQYLRPVEDVATSQDDCYKFAISQSSTGTVMGAVIMEGFYVVFDRARKRIGFAVSACHVHDEFRTAAVEGPFVTLDMED
CGYNIPQTDES
;
_entity_poly.pdbx_strand_id   A
#
loop_
_chem_comp.id
_chem_comp.type
_chem_comp.name
_chem_comp.formula
68L non-polymer N-[(5S)-2'-amino-3-(5,6-dihydro-2H-pyran-3-yl)-5'H-spiro[1-benzopyrano[2,3-c]pyridine-5,4'-[1,3]oxazol]-7-yl]-5-chloropyridine-2-carboxamide 'C25 H20 Cl N5 O4'
GOL non-polymer GLYCEROL 'C3 H8 O3'
IOD non-polymer 'IODIDE ION' 'I -1'
SO4 non-polymer 'SULFATE ION' 'O4 S -2'
#
# COMPACT_ATOMS: atom_id res chain seq x y z
N PHE A 18 -21.80 -2.20 5.25
CA PHE A 18 -20.57 -1.85 6.05
C PHE A 18 -20.39 -0.34 6.17
N VAL A 19 -21.51 0.39 6.21
CA VAL A 19 -21.49 1.85 6.18
C VAL A 19 -20.63 2.47 7.28
N GLU A 20 -20.57 1.79 8.43
CA GLU A 20 -19.82 2.27 9.60
C GLU A 20 -18.31 2.36 9.37
N MET A 21 -17.78 1.59 8.42
CA MET A 21 -16.35 1.56 8.11
C MET A 21 -15.95 2.49 6.99
N VAL A 22 -16.92 3.01 6.23
CA VAL A 22 -16.61 3.94 5.15
C VAL A 22 -15.98 5.20 5.73
N ASP A 23 -14.91 5.65 5.10
CA ASP A 23 -14.20 6.83 5.52
C ASP A 23 -13.48 6.67 6.89
N ASN A 24 -13.17 5.45 7.30
CA ASN A 24 -12.41 5.23 8.55
C ASN A 24 -10.89 5.41 8.42
N LEU A 25 -10.40 5.81 7.25
CA LEU A 25 -8.98 6.09 7.04
C LEU A 25 -8.74 7.57 6.89
N ARG A 26 -7.66 8.04 7.49
CA ARG A 26 -7.22 9.42 7.34
C ARG A 26 -5.73 9.44 7.06
N GLY A 27 -5.23 10.59 6.65
CA GLY A 27 -3.82 10.76 6.44
C GLY A 27 -3.45 12.10 5.84
N LYS A 28 -2.17 12.23 5.52
CA LYS A 28 -1.67 13.37 4.76
C LYS A 28 -0.74 12.88 3.67
N SER A 29 -0.63 13.66 2.59
CA SER A 29 0.17 13.24 1.43
C SER A 29 1.59 12.94 1.87
N GLY A 30 2.10 11.82 1.37
CA GLY A 30 3.45 11.39 1.69
C GLY A 30 3.61 10.79 3.07
N GLN A 31 2.53 10.70 3.85
CA GLN A 31 2.63 10.19 5.22
C GLN A 31 1.82 8.94 5.48
N GLY A 32 1.01 8.52 4.51
CA GLY A 32 0.29 7.25 4.58
C GLY A 32 -1.09 7.30 5.20
N TYR A 33 -1.73 6.15 5.29
CA TYR A 33 -3.11 6.06 5.72
C TYR A 33 -3.19 5.32 7.03
N TYR A 34 -3.88 5.90 8.00
CA TYR A 34 -4.02 5.31 9.33
C TYR A 34 -5.47 5.14 9.68
N VAL A 35 -5.68 4.17 10.58
CA VAL A 35 -6.99 3.83 11.07
C VAL A 35 -6.94 4.01 12.59
N GLU A 36 -8.06 4.38 13.19
CA GLU A 36 -8.14 4.46 14.64
C GLU A 36 -8.24 3.07 15.23
N MET A 37 -7.44 2.80 16.27
CA MET A 37 -7.56 1.56 17.03
C MET A 37 -7.56 1.84 18.53
N THR A 38 -7.99 0.85 19.32
CA THR A 38 -7.84 0.91 20.76
C THR A 38 -7.09 -0.32 21.22
N VAL A 39 -6.25 -0.12 22.24
CA VAL A 39 -5.49 -1.18 22.87
C VAL A 39 -5.66 -1.07 24.37
N GLY A 40 -5.84 -2.22 25.03
CA GLY A 40 -5.86 -2.28 26.49
C GLY A 40 -7.20 -2.06 27.15
N SER A 41 -7.23 -2.24 28.47
CA SER A 41 -8.43 -2.00 29.28
C SER A 41 -8.05 -1.15 30.50
N PRO A 42 -8.64 0.05 30.61
CA PRO A 42 -9.58 0.67 29.66
C PRO A 42 -8.93 1.01 28.30
N PRO A 43 -9.75 1.12 27.24
CA PRO A 43 -9.19 1.32 25.89
C PRO A 43 -8.32 2.59 25.75
N GLN A 44 -7.11 2.42 25.24
CA GLN A 44 -6.28 3.56 24.86
C GLN A 44 -6.35 3.72 23.34
N THR A 45 -6.78 4.90 22.89
CA THR A 45 -6.92 5.20 21.46
C THR A 45 -5.58 5.58 20.82
N LEU A 46 -5.28 4.98 19.68
CA LEU A 46 -4.07 5.30 18.89
C LEU A 46 -4.40 5.30 17.40
N ASN A 47 -3.70 6.14 16.64
CA ASN A 47 -3.79 6.10 15.18
C ASN A 47 -2.68 5.22 14.63
N ILE A 48 -3.05 4.28 13.76
CA ILE A 48 -2.17 3.21 13.33
C ILE A 48 -2.12 3.13 11.78
N LEU A 49 -0.90 3.25 11.24
CA LEU A 49 -0.66 3.14 9.81
C LEU A 49 -1.07 1.78 9.27
N VAL A 50 -1.80 1.78 8.16
CA VAL A 50 -2.25 0.57 7.52
C VAL A 50 -1.21 0.10 6.51
N ASP A 51 -0.60 -1.06 6.77
CA ASP A 51 0.54 -1.51 5.98
C ASP A 51 0.37 -2.96 5.53
N THR A 52 0.05 -3.15 4.26
CA THR A 52 -0.10 -4.51 3.74
C THR A 52 1.25 -5.13 3.34
N GLY A 53 2.32 -4.39 3.57
CA GLY A 53 3.68 -4.86 3.29
C GLY A 53 4.50 -5.27 4.51
N SER A 54 3.85 -5.49 5.64
CA SER A 54 4.49 -6.03 6.84
C SER A 54 3.43 -6.77 7.64
N SER A 55 3.85 -7.45 8.72
CA SER A 55 2.95 -8.35 9.44
C SER A 55 2.96 -8.24 10.96
N ASN A 56 3.57 -7.17 11.51
CA ASN A 56 3.57 -6.95 12.96
C ASN A 56 2.66 -5.81 13.32
N PHE A 57 1.99 -5.95 14.44
CA PHE A 57 1.29 -4.85 15.08
C PHE A 57 2.25 -4.28 16.12
N ALA A 58 2.74 -3.07 15.84
CA ALA A 58 3.82 -2.47 16.61
C ALA A 58 3.42 -1.03 16.90
N VAL A 59 3.43 -0.65 18.18
CA VAL A 59 2.98 0.67 18.60
C VAL A 59 4.01 1.38 19.49
N GLY A 60 4.11 2.69 19.30
CA GLY A 60 4.89 3.54 20.17
C GLY A 60 4.47 3.35 21.60
N ALA A 61 5.45 3.08 22.48
CA ALA A 61 5.19 2.80 23.88
C ALA A 61 5.98 3.71 24.82
N ALA A 62 6.64 4.72 24.26
CA ALA A 62 7.45 5.66 25.03
C ALA A 62 7.29 7.04 24.42
N PRO A 63 7.59 8.10 25.20
CA PRO A 63 7.36 9.47 24.75
C PRO A 63 8.42 10.02 23.78
N HIS A 64 8.47 9.44 22.59
CA HIS A 64 9.18 10.02 21.47
C HIS A 64 8.53 11.36 21.21
N PRO A 65 9.33 12.40 20.95
CA PRO A 65 8.77 13.74 20.78
C PRO A 65 7.85 13.93 19.54
N PHE A 66 8.03 13.11 18.51
CA PHE A 66 7.15 13.12 17.31
C PHE A 66 5.74 12.62 17.62
N LEU A 67 5.55 11.91 18.72
CA LEU A 67 4.32 11.17 18.99
C LEU A 67 3.26 11.97 19.75
N HIS A 68 2.03 11.98 19.24
CA HIS A 68 0.89 12.57 19.92
C HIS A 68 0.55 11.82 21.15
N ARG A 69 0.80 10.51 21.12
CA ARG A 69 0.47 9.63 22.21
C ARG A 69 1.14 8.27 22.01
N TYR A 70 1.03 7.41 23.03
CA TYR A 70 1.71 6.13 23.01
C TYR A 70 1.06 5.19 23.99
N TYR A 71 1.26 3.92 23.76
CA TYR A 71 0.67 2.84 24.54
C TYR A 71 1.33 2.82 25.92
N GLN A 72 0.52 2.86 26.98
CA GLN A 72 1.03 2.87 28.37
C GLN A 72 0.58 1.59 29.00
N ARG A 73 1.44 0.57 28.89
CA ARG A 73 1.08 -0.76 29.36
C ARG A 73 0.72 -0.81 30.85
N GLN A 74 1.33 0.09 31.65
CA GLN A 74 1.06 0.15 33.09
C GLN A 74 -0.41 0.49 33.42
N LEU A 75 -1.13 1.08 32.46
CA LEU A 75 -2.54 1.42 32.65
C LEU A 75 -3.51 0.33 32.21
N SER A 76 -2.99 -0.77 31.66
CA SER A 76 -3.85 -1.79 31.09
C SER A 76 -3.89 -3.03 31.98
N SER A 77 -5.10 -3.35 32.47
CA SER A 77 -5.32 -4.53 33.29
C SER A 77 -5.29 -5.82 32.49
N THR A 78 -5.47 -5.73 31.17
CA THR A 78 -5.52 -6.93 30.34
C THR A 78 -4.20 -7.20 29.63
N TYR A 79 -3.20 -6.35 29.86
CA TYR A 79 -1.87 -6.53 29.29
C TYR A 79 -1.17 -7.77 29.83
N ARG A 80 -0.54 -8.54 28.95
CA ARG A 80 0.26 -9.69 29.31
C ARG A 80 1.63 -9.61 28.63
N ASP A 81 2.68 -9.80 29.41
CA ASP A 81 4.05 -9.71 28.94
C ASP A 81 4.47 -11.06 28.40
N LEU A 82 5.03 -11.08 27.19
CA LEU A 82 5.59 -12.31 26.64
C LEU A 82 7.06 -12.48 27.03
N ARG A 83 7.61 -11.50 27.75
CA ARG A 83 8.99 -11.55 28.26
C ARG A 83 9.96 -11.84 27.13
N LYS A 84 9.84 -11.07 26.04
CA LYS A 84 10.63 -11.30 24.84
C LYS A 84 10.74 -10.01 24.06
N GLY A 85 11.93 -9.77 23.51
CA GLY A 85 12.21 -8.59 22.75
C GLY A 85 12.22 -8.90 21.27
N VAL A 86 12.23 -7.86 20.46
CA VAL A 86 12.18 -8.02 19.00
C VAL A 86 12.96 -6.85 18.45
N TYR A 87 13.90 -7.15 17.54
CA TYR A 87 14.71 -6.12 16.90
C TYR A 87 14.41 -6.14 15.40
N VAL A 88 13.95 -5.02 14.86
CA VAL A 88 13.43 -5.01 13.49
C VAL A 88 14.04 -3.92 12.61
N PRO A 89 15.21 -4.19 12.02
CA PRO A 89 15.69 -3.32 10.99
C PRO A 89 14.95 -3.61 9.69
N TYR A 90 14.71 -2.58 8.89
CA TYR A 90 14.12 -2.76 7.59
C TYR A 90 14.80 -1.76 6.66
N THR A 91 14.38 -1.69 5.41
CA THR A 91 15.17 -0.96 4.42
C THR A 91 15.35 0.52 4.76
N GLN A 92 14.30 1.19 5.22
CA GLN A 92 14.36 2.64 5.44
C GLN A 92 14.39 3.07 6.92
N GLY A 93 14.57 2.13 7.84
CA GLY A 93 14.60 2.47 9.25
C GLY A 93 14.73 1.28 10.18
N LYS A 94 14.46 1.50 11.45
CA LYS A 94 14.46 0.41 12.40
C LYS A 94 13.57 0.70 13.59
N TRP A 95 13.01 -0.36 14.15
CA TRP A 95 12.38 -0.28 15.44
C TRP A 95 12.69 -1.49 16.27
N GLU A 96 12.54 -1.31 17.57
CA GLU A 96 12.87 -2.29 18.55
C GLU A 96 11.83 -2.21 19.62
N GLY A 97 11.44 -3.33 20.17
CA GLY A 97 10.45 -3.29 21.22
C GLY A 97 10.27 -4.57 22.00
N GLU A 98 9.24 -4.57 22.83
CA GLU A 98 8.96 -5.64 23.76
C GLU A 98 7.61 -6.24 23.42
N LEU A 99 7.56 -7.58 23.37
CA LEU A 99 6.38 -8.28 22.94
C LEU A 99 5.45 -8.56 24.11
N GLY A 100 4.16 -8.49 23.81
CA GLY A 100 3.12 -8.83 24.76
C GLY A 100 1.82 -9.04 24.03
N THR A 101 0.74 -9.26 24.79
CA THR A 101 -0.59 -9.30 24.22
C THR A 101 -1.48 -8.36 25.00
N ASP A 102 -2.55 -7.93 24.36
CA ASP A 102 -3.57 -7.16 25.00
C ASP A 102 -4.83 -7.18 24.14
N LEU A 103 -5.91 -6.63 24.67
CA LEU A 103 -7.16 -6.54 23.97
C LEU A 103 -7.11 -5.35 23.02
N VAL A 104 -7.59 -5.58 21.81
CA VAL A 104 -7.50 -4.61 20.74
C VAL A 104 -8.86 -4.50 20.04
N SER A 105 -9.27 -3.30 19.68
CA SER A 105 -10.45 -3.15 18.85
C SER A 105 -10.29 -2.00 17.86
N ILE A 106 -11.18 -1.98 16.87
CA ILE A 106 -11.18 -0.98 15.80
C ILE A 106 -12.55 -0.29 15.89
N PRO A 107 -12.60 0.90 16.52
CA PRO A 107 -13.87 1.59 16.73
C PRO A 107 -14.72 1.72 15.46
N HIS A 108 -14.11 2.14 14.34
CA HIS A 108 -14.82 2.21 13.07
C HIS A 108 -14.54 0.99 12.24
N GLY A 109 -14.70 -0.17 12.87
CA GLY A 109 -14.48 -1.47 12.25
C GLY A 109 -15.51 -2.43 12.81
N PRO A 110 -15.28 -3.74 12.72
CA PRO A 110 -16.33 -4.62 13.22
C PRO A 110 -16.45 -4.52 14.75
N ASN A 111 -17.63 -4.82 15.25
CA ASN A 111 -17.93 -4.63 16.68
C ASN A 111 -17.42 -5.81 17.50
N VAL A 112 -16.11 -5.93 17.58
CA VAL A 112 -15.47 -7.04 18.27
C VAL A 112 -14.20 -6.59 19.00
N THR A 113 -13.74 -7.43 19.92
CA THR A 113 -12.50 -7.19 20.64
C THR A 113 -11.70 -8.49 20.63
N VAL A 114 -10.43 -8.41 20.25
CA VAL A 114 -9.60 -9.60 20.17
C VAL A 114 -8.35 -9.47 21.02
N ARG A 115 -7.78 -10.61 21.44
CA ARG A 115 -6.49 -10.58 22.11
C ARG A 115 -5.44 -10.73 21.04
N ALA A 116 -4.58 -9.73 20.91
CA ALA A 116 -3.62 -9.72 19.82
C ALA A 116 -2.23 -9.51 20.35
N ASN A 117 -1.24 -9.94 19.59
CA ASN A 117 0.14 -9.59 19.86
C ASN A 117 0.34 -8.11 19.57
N ILE A 118 1.06 -7.44 20.46
CA ILE A 118 1.47 -6.05 20.27
C ILE A 118 2.95 -5.92 20.59
N ALA A 119 3.73 -5.38 19.66
CA ALA A 119 5.10 -5.01 19.97
C ALA A 119 5.07 -3.58 20.52
N ALA A 120 5.53 -3.41 21.74
CA ALA A 120 5.62 -2.11 22.38
C ALA A 120 6.96 -1.53 21.98
N ILE A 121 6.94 -0.54 21.08
CA ILE A 121 8.16 0.06 20.56
C ILE A 121 8.86 0.94 21.61
N THR A 122 10.10 0.60 21.91
CA THR A 122 10.88 1.27 22.97
C THR A 122 12.10 2.02 22.41
N GLU A 123 12.38 1.84 21.13
CA GLU A 123 13.53 2.46 20.50
C GLU A 123 13.31 2.39 18.99
N SER A 124 13.61 3.48 18.29
CA SER A 124 13.44 3.47 16.86
C SER A 124 14.35 4.48 16.18
N ASP A 125 14.49 4.31 14.87
CA ASP A 125 15.20 5.29 14.07
C ASP A 125 14.54 5.37 12.70
N LYS A 126 14.14 6.59 12.30
CA LYS A 126 13.52 6.84 10.99
C LYS A 126 12.22 6.08 10.74
N PHE A 127 11.56 5.69 11.83
CA PHE A 127 10.31 4.93 11.79
C PHE A 127 9.14 5.90 11.91
N PHE A 128 9.11 6.67 12.99
CA PHE A 128 8.09 7.69 13.16
C PHE A 128 8.44 8.90 12.30
N ILE A 129 7.40 9.57 11.79
CA ILE A 129 7.57 10.71 10.91
C ILE A 129 7.24 11.97 11.68
N ASN A 130 8.16 12.93 11.67
CA ASN A 130 7.95 14.20 12.32
C ASN A 130 6.83 14.97 11.64
N GLY A 131 5.73 15.17 12.34
CA GLY A 131 4.58 15.90 11.79
C GLY A 131 3.39 15.02 11.43
N SER A 132 3.56 13.70 11.51
CA SER A 132 2.48 12.76 11.20
C SER A 132 1.56 12.58 12.39
N ASN A 133 0.39 12.02 12.14
CA ASN A 133 -0.62 11.84 13.17
C ASN A 133 -0.84 10.38 13.48
N TRP A 134 0.14 9.52 13.22
CA TRP A 134 0.06 8.12 13.62
C TRP A 134 1.18 7.72 14.55
N GLU A 135 0.92 6.69 15.35
CA GLU A 135 1.78 6.29 16.48
C GLU A 135 2.11 4.80 16.47
N GLY A 136 1.67 4.09 15.44
CA GLY A 136 1.95 2.68 15.34
C GLY A 136 1.71 2.18 13.92
N ILE A 137 1.99 0.90 13.70
CA ILE A 137 1.88 0.28 12.38
C ILE A 137 1.08 -1.00 12.50
N LEU A 138 0.17 -1.22 11.57
CA LEU A 138 -0.64 -2.44 11.50
C LEU A 138 -0.23 -3.24 10.28
N GLY A 139 0.58 -4.27 10.50
CA GLY A 139 1.06 -5.09 9.41
C GLY A 139 -0.01 -6.11 9.07
N LEU A 140 -0.54 -6.02 7.85
CA LEU A 140 -1.68 -6.83 7.43
C LEU A 140 -1.28 -8.08 6.64
N ALA A 141 0.01 -8.26 6.38
CA ALA A 141 0.49 -9.38 5.60
C ALA A 141 0.67 -10.62 6.49
N TYR A 142 1.29 -11.67 5.97
CA TYR A 142 1.18 -12.99 6.61
C TYR A 142 2.30 -13.29 7.58
N ALA A 143 2.09 -14.34 8.37
CA ALA A 143 3.01 -14.73 9.44
C ALA A 143 4.41 -15.00 8.99
N GLU A 144 4.59 -15.42 7.73
CA GLU A 144 5.90 -15.77 7.24
C GLU A 144 6.92 -14.64 7.39
N ILE A 145 6.48 -13.38 7.34
CA ILE A 145 7.39 -12.24 7.44
C ILE A 145 7.22 -11.47 8.76
N ALA A 146 6.51 -12.05 9.71
CA ALA A 146 6.38 -11.45 11.04
C ALA A 146 7.73 -11.54 11.76
N ARG A 147 7.97 -10.59 12.65
CA ARG A 147 9.17 -10.61 13.48
C ARG A 147 8.79 -10.90 14.92
N PRO A 148 9.58 -11.74 15.62
CA PRO A 148 10.84 -12.37 15.22
C PRO A 148 10.72 -13.54 14.24
N ASP A 149 9.61 -14.27 14.27
CA ASP A 149 9.41 -15.39 13.36
C ASP A 149 7.92 -15.62 13.14
N ASP A 150 7.57 -16.63 12.35
CA ASP A 150 6.17 -16.89 12.00
C ASP A 150 5.28 -17.43 13.13
N SER A 151 5.86 -17.67 14.31
CA SER A 151 5.06 -18.01 15.49
C SER A 151 4.35 -16.80 16.09
N LEU A 152 4.78 -15.59 15.75
CA LEU A 152 4.10 -14.37 16.22
C LEU A 152 2.92 -14.07 15.30
N GLU A 153 1.76 -14.58 15.71
CA GLU A 153 0.54 -14.47 14.92
C GLU A 153 0.17 -13.01 14.65
N PRO A 154 0.05 -12.63 13.36
CA PRO A 154 -0.36 -11.27 12.98
C PRO A 154 -1.77 -10.94 13.45
N PHE A 155 -2.04 -9.64 13.54
CA PHE A 155 -3.32 -9.18 14.03
C PHE A 155 -4.51 -9.77 13.28
N PHE A 156 -4.49 -9.72 11.95
CA PHE A 156 -5.65 -10.13 11.16
C PHE A 156 -5.95 -11.63 11.33
N ASP A 157 -4.89 -12.43 11.41
CA ASP A 157 -5.05 -13.83 11.77
C ASP A 157 -5.76 -13.97 13.14
N SER A 158 -5.29 -13.25 14.16
CA SER A 158 -5.94 -13.30 15.48
C SER A 158 -7.40 -12.87 15.40
N LEU A 159 -7.68 -11.82 14.64
CA LEU A 159 -9.03 -11.31 14.53
C LEU A 159 -10.00 -12.36 13.97
N VAL A 160 -9.58 -13.01 12.89
CA VAL A 160 -10.40 -13.99 12.19
C VAL A 160 -10.56 -15.27 13.01
N LYS A 161 -9.49 -15.71 13.66
CA LYS A 161 -9.52 -16.90 14.49
C LYS A 161 -10.47 -16.74 15.69
N GLN A 162 -10.53 -15.55 16.27
CA GLN A 162 -11.26 -15.32 17.52
C GLN A 162 -12.70 -14.84 17.35
N THR A 163 -13.07 -14.45 16.13
CA THR A 163 -14.40 -13.92 15.85
C THR A 163 -14.96 -14.64 14.63
N HIS A 164 -16.10 -14.16 14.15
CA HIS A 164 -16.69 -14.69 12.92
C HIS A 164 -16.54 -13.70 11.79
N VAL A 165 -15.57 -12.79 11.91
CA VAL A 165 -15.29 -11.82 10.84
C VAL A 165 -14.69 -12.57 9.66
N PRO A 166 -15.30 -12.46 8.46
CA PRO A 166 -14.79 -13.20 7.32
C PRO A 166 -13.33 -12.87 7.01
N ASN A 167 -12.61 -13.82 6.44
CA ASN A 167 -11.19 -13.67 6.20
C ASN A 167 -10.89 -12.88 4.93
N LEU A 168 -11.28 -11.60 4.93
CA LEU A 168 -10.85 -10.66 3.90
C LEU A 168 -11.01 -9.22 4.35
N PHE A 169 -10.29 -8.34 3.70
CA PHE A 169 -10.46 -6.90 3.90
C PHE A 169 -10.25 -6.23 2.58
N SER A 170 -10.76 -5.02 2.46
CA SER A 170 -10.54 -4.24 1.27
C SER A 170 -10.15 -2.81 1.63
N LEU A 171 -9.42 -2.18 0.73
CA LEU A 171 -8.89 -0.86 0.91
C LEU A 171 -9.24 0.04 -0.24
N GLN A 172 -9.86 1.16 0.07
CA GLN A 172 -10.01 2.27 -0.85
C GLN A 172 -9.17 3.43 -0.35
N LEU A 173 -8.03 3.63 -0.99
CA LEU A 173 -7.15 4.74 -0.67
C LEU A 173 -7.43 5.90 -1.61
N CYS A 174 -7.84 7.04 -1.06
CA CYS A 174 -8.18 8.25 -1.85
C CYS A 174 -7.11 9.33 -1.63
N GLY A 175 -6.36 9.66 -2.66
CA GLY A 175 -5.29 10.67 -2.57
C GLY A 175 -5.74 12.11 -2.83
N ALA A 187 -2.52 18.88 3.37
CA ALA A 187 -3.20 18.18 2.28
C ALA A 187 -3.67 16.80 2.74
N SER A 188 -4.96 16.68 3.03
CA SER A 188 -5.52 15.54 3.76
C SER A 188 -6.08 14.45 2.86
N VAL A 189 -5.56 13.25 3.00
CA VAL A 189 -6.08 12.09 2.28
C VAL A 189 -7.12 11.39 3.14
N GLY A 190 -7.86 10.49 2.51
CA GLY A 190 -8.90 9.74 3.17
C GLY A 190 -9.09 8.40 2.50
N GLY A 191 -10.00 7.61 3.04
CA GLY A 191 -10.27 6.30 2.48
C GLY A 191 -11.00 5.40 3.43
N SER A 192 -11.17 4.15 3.02
CA SER A 192 -11.93 3.16 3.75
C SER A 192 -11.15 1.87 3.81
N MET A 193 -11.11 1.28 5.01
CA MET A 193 -10.69 -0.08 5.20
C MET A 193 -11.90 -0.90 5.64
N ILE A 194 -12.45 -1.70 4.73
CA ILE A 194 -13.62 -2.52 5.04
C ILE A 194 -13.10 -3.86 5.51
N ILE A 195 -13.30 -4.11 6.81
CA ILE A 195 -12.78 -5.30 7.46
C ILE A 195 -13.86 -6.36 7.40
N GLY A 196 -13.56 -7.50 6.79
CA GLY A 196 -14.48 -8.63 6.72
C GLY A 196 -15.45 -8.58 5.54
N GLY A 197 -15.20 -7.71 4.58
CA GLY A 197 -16.12 -7.60 3.46
C GLY A 197 -15.75 -6.53 2.45
N ILE A 198 -16.74 -6.22 1.61
CA ILE A 198 -16.58 -5.39 0.44
C ILE A 198 -17.77 -4.45 0.42
N ASP A 199 -17.54 -3.19 0.10
CA ASP A 199 -18.63 -2.23 -0.01
C ASP A 199 -18.71 -1.80 -1.45
N HIS A 200 -19.81 -2.17 -2.11
CA HIS A 200 -19.92 -2.02 -3.56
C HIS A 200 -20.10 -0.61 -4.01
N SER A 201 -20.41 0.31 -3.10
CA SER A 201 -20.48 1.73 -3.47
C SER A 201 -19.10 2.32 -3.67
N LEU A 202 -18.04 1.63 -3.24
CA LEU A 202 -16.69 2.19 -3.30
C LEU A 202 -15.98 1.99 -4.63
N TYR A 203 -16.59 1.23 -5.54
CA TYR A 203 -16.04 1.08 -6.88
C TYR A 203 -17.12 1.06 -7.94
N THR A 204 -16.67 1.18 -9.20
CA THR A 204 -17.54 1.02 -10.37
C THR A 204 -17.06 -0.15 -11.22
N GLY A 205 -17.99 -0.74 -11.97
CA GLY A 205 -17.69 -1.86 -12.83
C GLY A 205 -17.49 -3.12 -12.01
N SER A 206 -16.70 -4.05 -12.53
CA SER A 206 -16.48 -5.34 -11.87
C SER A 206 -15.10 -5.40 -11.20
N LEU A 207 -15.03 -6.25 -10.18
CA LEU A 207 -13.77 -6.65 -9.61
C LEU A 207 -13.16 -7.70 -10.52
N TRP A 208 -11.84 -7.61 -10.69
CA TRP A 208 -11.03 -8.60 -11.36
C TRP A 208 -9.99 -9.06 -10.40
N TYR A 209 -9.85 -10.39 -10.27
CA TYR A 209 -8.98 -10.99 -9.28
C TYR A 209 -7.70 -11.60 -9.85
N THR A 210 -6.60 -11.43 -9.12
CA THR A 210 -5.31 -12.01 -9.44
C THR A 210 -4.91 -12.93 -8.27
N PRO A 211 -4.30 -14.09 -8.55
CA PRO A 211 -3.95 -14.97 -7.44
C PRO A 211 -2.84 -14.41 -6.54
N ILE A 212 -2.98 -14.63 -5.23
CA ILE A 212 -1.87 -14.45 -4.31
C ILE A 212 -0.93 -15.63 -4.55
N ARG A 213 0.21 -15.37 -5.16
CA ARG A 213 1.18 -16.41 -5.46
C ARG A 213 1.63 -17.19 -4.23
N ARG A 214 1.96 -16.45 -3.19
CA ARG A 214 2.40 -17.05 -1.95
C ARG A 214 2.02 -16.11 -0.83
N GLU A 215 1.65 -16.70 0.30
CA GLU A 215 1.20 -15.98 1.46
C GLU A 215 2.39 -15.58 2.32
N TRP A 216 2.98 -14.44 2.00
CA TRP A 216 4.03 -13.87 2.85
C TRP A 216 3.84 -12.39 2.80
N TYR A 217 4.42 -11.71 1.82
CA TYR A 217 3.84 -10.46 1.34
C TYR A 217 2.57 -10.80 0.51
N TYR A 218 1.83 -9.77 0.07
CA TYR A 218 0.72 -9.98 -0.85
C TYR A 218 1.33 -10.02 -2.24
N GLU A 219 1.89 -11.18 -2.56
CA GLU A 219 2.67 -11.33 -3.78
C GLU A 219 1.76 -11.69 -4.95
N VAL A 220 2.01 -11.05 -6.07
CA VAL A 220 1.26 -11.25 -7.30
C VAL A 220 2.22 -11.32 -8.47
N ILE A 221 1.69 -11.59 -9.65
CA ILE A 221 2.48 -11.73 -10.84
C ILE A 221 1.96 -10.82 -11.95
N ILE A 222 2.84 -9.92 -12.39
CA ILE A 222 2.60 -9.03 -13.53
C ILE A 222 3.05 -9.76 -14.77
N VAL A 223 2.18 -9.83 -15.78
CA VAL A 223 2.45 -10.63 -16.97
C VAL A 223 2.76 -9.78 -18.20
N ARG A 224 2.47 -8.49 -18.13
CA ARG A 224 2.70 -7.61 -19.25
C ARG A 224 2.60 -6.16 -18.80
N VAL A 225 3.35 -5.27 -19.45
CA VAL A 225 3.34 -3.86 -19.12
C VAL A 225 3.22 -3.04 -20.39
N GLU A 226 2.31 -2.08 -20.39
CA GLU A 226 2.15 -1.17 -21.52
C GLU A 226 2.21 0.29 -21.07
N ILE A 227 2.81 1.12 -21.92
CA ILE A 227 2.79 2.57 -21.80
C ILE A 227 2.01 3.14 -22.99
N ASN A 228 0.88 3.79 -22.71
CA ASN A 228 -0.03 4.22 -23.76
C ASN A 228 -0.34 3.09 -24.75
N GLY A 229 -0.62 1.90 -24.21
CA GLY A 229 -0.92 0.74 -25.03
C GLY A 229 0.26 0.08 -25.72
N GLN A 230 1.47 0.60 -25.50
CA GLN A 230 2.63 0.05 -26.16
C GLN A 230 3.42 -0.86 -25.22
N ASP A 231 3.45 -2.14 -25.57
CA ASP A 231 4.09 -3.16 -24.78
C ASP A 231 5.58 -2.82 -24.65
N LEU A 232 6.14 -2.97 -23.44
CA LEU A 232 7.58 -2.81 -23.22
C LEU A 232 8.37 -3.97 -23.80
N LYS A 233 7.68 -5.09 -24.03
CA LYS A 233 8.25 -6.27 -24.71
C LYS A 233 9.46 -6.84 -24.00
N MET A 234 9.44 -6.77 -22.67
CA MET A 234 10.47 -7.42 -21.88
C MET A 234 10.04 -8.85 -21.59
N ASP A 235 11.01 -9.71 -21.32
CA ASP A 235 10.76 -11.00 -20.70
C ASP A 235 10.03 -10.73 -19.38
N CYS A 236 8.84 -11.29 -19.23
CA CYS A 236 7.96 -10.93 -18.11
C CYS A 236 8.52 -11.30 -16.72
N LYS A 237 9.51 -12.19 -16.67
CA LYS A 237 10.22 -12.46 -15.41
C LYS A 237 10.86 -11.20 -14.86
N GLU A 238 11.30 -10.32 -15.75
CA GLU A 238 11.90 -9.05 -15.36
C GLU A 238 10.91 -8.22 -14.51
N TYR A 239 9.61 -8.33 -14.82
CA TYR A 239 8.58 -7.58 -14.10
C TYR A 239 8.40 -8.04 -12.67
N ASN A 240 8.81 -9.25 -12.36
CA ASN A 240 8.61 -9.82 -11.04
C ASN A 240 9.93 -10.30 -10.38
N TYR A 241 11.03 -9.65 -10.75
CA TYR A 241 12.36 -9.97 -10.25
C TYR A 241 12.62 -9.08 -9.03
N ASP A 242 12.67 -9.62 -7.82
CA ASP A 242 12.49 -11.04 -7.50
C ASP A 242 11.10 -11.33 -6.95
N LYS A 243 10.26 -10.29 -6.87
CA LYS A 243 8.86 -10.44 -6.50
C LYS A 243 8.07 -9.21 -6.92
N SER A 244 6.74 -9.31 -6.88
CA SER A 244 5.87 -8.15 -7.05
C SER A 244 4.85 -8.22 -5.94
N ILE A 245 4.63 -7.11 -5.27
CA ILE A 245 3.74 -7.10 -4.12
C ILE A 245 2.77 -5.93 -4.17
N VAL A 246 1.67 -6.06 -3.45
CA VAL A 246 0.76 -4.95 -3.28
C VAL A 246 0.95 -4.41 -1.88
N ASP A 247 1.25 -3.12 -1.79
CA ASP A 247 1.78 -2.55 -0.55
C ASP A 247 1.26 -1.15 -0.23
N SER A 248 0.34 -1.06 0.72
CA SER A 248 -0.23 0.22 1.13
C SER A 248 0.74 1.09 1.95
N GLY A 249 1.86 0.50 2.38
CA GLY A 249 2.87 1.22 3.17
C GLY A 249 4.00 1.84 2.39
N THR A 250 3.88 1.87 1.06
CA THR A 250 4.84 2.50 0.16
C THR A 250 4.11 3.50 -0.73
N THR A 251 4.70 4.67 -0.97
CA THR A 251 4.09 5.67 -1.85
C THR A 251 4.20 5.28 -3.33
N ASN A 252 5.41 4.96 -3.76
CA ASN A 252 5.70 4.85 -5.18
C ASN A 252 5.19 3.57 -5.84
N LEU A 253 5.07 3.64 -7.16
CA LEU A 253 5.18 2.44 -7.97
C LEU A 253 6.66 2.23 -8.11
N ARG A 254 7.16 1.17 -7.49
CA ARG A 254 8.57 0.81 -7.56
C ARG A 254 8.71 -0.34 -8.55
N LEU A 255 9.70 -0.22 -9.44
CA LEU A 255 9.95 -1.19 -10.52
C LEU A 255 11.38 -1.71 -10.49
N PRO A 256 11.60 -3.01 -10.81
CA PRO A 256 12.99 -3.47 -10.91
C PRO A 256 13.80 -2.62 -11.87
N LYS A 257 15.08 -2.45 -11.57
CA LYS A 257 15.97 -1.54 -12.31
C LYS A 257 15.79 -1.60 -13.83
N LYS A 258 15.86 -2.78 -14.41
CA LYS A 258 15.81 -2.92 -15.88
C LYS A 258 14.46 -2.51 -16.43
N VAL A 259 13.40 -2.80 -15.68
CA VAL A 259 12.06 -2.45 -16.10
C VAL A 259 11.86 -0.95 -15.95
N PHE A 260 12.32 -0.38 -14.83
CA PHE A 260 12.26 1.07 -14.67
C PHE A 260 12.93 1.82 -15.86
N GLU A 261 14.15 1.44 -16.23
CA GLU A 261 14.84 2.07 -17.39
C GLU A 261 13.90 2.09 -18.59
N ALA A 262 13.45 0.91 -18.99
CA ALA A 262 12.59 0.74 -20.14
C ALA A 262 11.29 1.54 -20.01
N ALA A 263 10.72 1.57 -18.81
CA ALA A 263 9.48 2.31 -18.56
C ALA A 263 9.71 3.80 -18.73
N VAL A 264 10.78 4.30 -18.11
CA VAL A 264 11.13 5.72 -18.20
C VAL A 264 11.46 6.13 -19.65
N LYS A 265 12.24 5.31 -20.35
CA LYS A 265 12.52 5.55 -21.77
C LYS A 265 11.24 5.73 -22.57
N SER A 266 10.30 4.81 -22.41
CA SER A 266 9.01 4.93 -23.09
C SER A 266 8.21 6.14 -22.60
N ILE A 267 8.22 6.42 -21.30
CA ILE A 267 7.47 7.57 -20.78
C ILE A 267 8.08 8.89 -21.31
N LYS A 268 9.41 8.94 -21.40
CA LYS A 268 10.13 10.09 -21.99
C LYS A 268 9.71 10.33 -23.44
N ALA A 269 9.70 9.26 -24.24
CA ALA A 269 9.29 9.35 -25.64
C ALA A 269 7.85 9.84 -25.78
N ALA A 270 6.94 9.29 -24.98
CA ALA A 270 5.53 9.69 -25.06
C ALA A 270 5.31 11.15 -24.64
N SER A 271 6.15 11.65 -23.74
CA SER A 271 5.95 13.01 -23.22
C SER A 271 6.94 14.03 -23.79
N SER A 272 7.62 13.65 -24.87
CA SER A 272 8.71 14.45 -25.42
C SER A 272 8.32 15.78 -26.10
N THR A 273 7.06 16.17 -26.05
CA THR A 273 6.67 17.53 -26.49
C THR A 273 7.22 18.57 -25.51
N GLU A 274 7.37 18.18 -24.24
CA GLU A 274 8.12 18.95 -23.26
C GLU A 274 9.33 18.12 -22.81
N LYS A 275 10.39 18.80 -22.38
CA LYS A 275 11.59 18.13 -21.88
C LYS A 275 11.77 18.45 -20.40
N PHE A 276 12.34 17.50 -19.67
CA PHE A 276 12.56 17.64 -18.24
C PHE A 276 13.96 17.10 -17.93
N PRO A 277 14.60 17.62 -16.87
CA PRO A 277 15.93 17.15 -16.52
C PRO A 277 16.00 15.67 -16.12
N ASP A 278 17.18 15.08 -16.26
CA ASP A 278 17.41 13.68 -15.89
C ASP A 278 17.13 13.41 -14.40
N GLY A 279 17.33 14.44 -13.57
CA GLY A 279 17.10 14.32 -12.13
C GLY A 279 15.64 14.07 -11.78
N PHE A 280 14.73 14.77 -12.46
CA PHE A 280 13.28 14.58 -12.30
C PHE A 280 12.84 13.11 -12.42
N TRP A 281 13.21 12.46 -13.51
CA TRP A 281 12.89 11.04 -13.73
C TRP A 281 13.48 10.17 -12.66
N LEU A 282 14.56 10.62 -12.01
CA LEU A 282 15.15 9.88 -10.90
C LEU A 282 14.55 10.27 -9.53
N GLY A 283 13.55 11.14 -9.55
CA GLY A 283 12.95 11.64 -8.31
C GLY A 283 13.95 12.41 -7.47
N GLU A 284 14.89 13.08 -8.16
CA GLU A 284 15.98 13.84 -7.52
C GLU A 284 15.71 15.34 -7.56
N GLN A 285 14.71 15.75 -8.33
CA GLN A 285 14.25 17.13 -8.34
C GLN A 285 12.80 17.16 -8.81
N LEU A 286 12.09 18.25 -8.52
CA LEU A 286 10.69 18.38 -8.89
C LEU A 286 10.57 19.12 -10.19
N VAL A 287 9.33 19.18 -10.70
CA VAL A 287 8.99 19.97 -11.88
C VAL A 287 7.68 20.72 -11.60
N CYS A 288 7.62 21.97 -12.07
CA CYS A 288 6.56 22.89 -11.69
C CYS A 288 5.83 23.49 -12.88
N TRP A 289 4.53 23.72 -12.72
CA TRP A 289 3.70 24.36 -13.74
C TRP A 289 2.86 25.44 -13.12
N GLN A 290 2.25 26.27 -13.96
CA GLN A 290 1.33 27.31 -13.50
C GLN A 290 0.02 26.68 -13.02
N ALA A 291 -0.48 27.14 -11.88
CA ALA A 291 -1.65 26.54 -11.22
C ALA A 291 -2.85 26.36 -12.15
N GLY A 292 -3.35 25.12 -12.22
CA GLY A 292 -4.52 24.80 -13.02
C GLY A 292 -4.25 24.55 -14.49
N THR A 293 -2.97 24.50 -14.87
CA THR A 293 -2.57 24.30 -16.26
C THR A 293 -1.51 23.18 -16.42
N THR A 294 -1.55 22.17 -15.54
CA THR A 294 -0.65 21.03 -15.67
C THR A 294 -1.06 20.27 -16.93
N PRO A 295 -0.09 19.94 -17.79
CA PRO A 295 -0.40 19.26 -19.05
C PRO A 295 -0.52 17.74 -18.86
N TRP A 296 -1.68 17.30 -18.40
CA TRP A 296 -1.90 15.88 -18.14
C TRP A 296 -1.80 15.09 -19.43
N ASN A 297 -2.47 15.62 -20.45
CA ASN A 297 -2.49 15.05 -21.80
C ASN A 297 -1.15 14.55 -22.36
N ILE A 298 -0.05 15.23 -22.04
CA ILE A 298 1.24 14.84 -22.59
C ILE A 298 1.85 13.63 -21.87
N PHE A 299 1.31 13.29 -20.70
CA PHE A 299 1.81 12.11 -19.98
C PHE A 299 0.94 10.91 -20.33
N PRO A 300 1.57 9.75 -20.55
CA PRO A 300 0.88 8.51 -20.91
C PRO A 300 0.27 7.78 -19.72
N VAL A 301 -0.68 6.90 -20.02
CA VAL A 301 -1.22 5.97 -19.05
C VAL A 301 -0.27 4.77 -18.89
N ILE A 302 -0.31 4.14 -17.73
CA ILE A 302 0.50 2.95 -17.48
C ILE A 302 -0.44 1.79 -17.19
N SER A 303 -0.23 0.68 -17.89
CA SER A 303 -1.05 -0.50 -17.74
C SER A 303 -0.20 -1.66 -17.29
N LEU A 304 -0.64 -2.31 -16.21
CA LEU A 304 -0.04 -3.55 -15.75
C LEU A 304 -1.05 -4.64 -16.02
N TYR A 305 -0.63 -5.69 -16.71
CA TYR A 305 -1.50 -6.87 -16.83
C TYR A 305 -1.14 -7.83 -15.72
N LEU A 306 -2.15 -8.26 -14.99
CA LEU A 306 -1.98 -9.22 -13.91
C LEU A 306 -2.48 -10.60 -14.29
N MET A 307 -1.80 -11.65 -13.82
CA MET A 307 -2.28 -13.01 -13.92
C MET A 307 -3.75 -13.09 -13.50
N GLY A 308 -4.57 -13.76 -14.29
CA GLY A 308 -6.00 -13.86 -13.97
C GLY A 308 -6.29 -15.12 -13.20
N GLU A 309 -7.57 -15.39 -12.99
CA GLU A 309 -8.02 -16.57 -12.24
C GLU A 309 -7.99 -17.86 -13.06
N VAL A 310 -8.00 -17.72 -14.37
CA VAL A 310 -8.19 -18.84 -15.28
C VAL A 310 -6.93 -19.02 -16.10
N THR A 311 -6.61 -20.26 -16.44
CA THR A 311 -5.47 -20.57 -17.30
C THR A 311 -5.51 -19.73 -18.56
N ASN A 312 -4.37 -19.11 -18.89
CA ASN A 312 -4.21 -18.29 -20.10
C ASN A 312 -5.08 -17.01 -20.12
N GLN A 313 -5.63 -16.63 -18.98
CA GLN A 313 -6.46 -15.44 -18.89
C GLN A 313 -5.82 -14.40 -17.95
N SER A 314 -5.74 -13.15 -18.43
CA SER A 314 -5.25 -12.03 -17.63
C SER A 314 -6.26 -10.89 -17.65
N PHE A 315 -5.98 -9.85 -16.87
CA PHE A 315 -6.70 -8.59 -16.96
C PHE A 315 -5.71 -7.47 -16.82
N ARG A 316 -6.11 -6.24 -17.09
CA ARG A 316 -5.18 -5.14 -16.93
C ARG A 316 -5.73 -4.02 -16.08
N ILE A 317 -4.84 -3.44 -15.29
CA ILE A 317 -5.13 -2.22 -14.54
C ILE A 317 -4.37 -1.07 -15.18
N THR A 318 -5.02 0.08 -15.29
CA THR A 318 -4.45 1.24 -15.96
C THR A 318 -4.50 2.47 -15.07
N ILE A 319 -3.34 3.10 -14.86
CA ILE A 319 -3.28 4.34 -14.07
C ILE A 319 -2.88 5.55 -14.93
N LEU A 320 -3.20 6.73 -14.41
CA LEU A 320 -3.02 7.98 -15.10
C LEU A 320 -1.83 8.70 -14.49
N PRO A 321 -1.31 9.74 -15.18
CA PRO A 321 -0.30 10.60 -14.56
C PRO A 321 -0.77 11.23 -13.24
N GLN A 322 -2.09 11.40 -13.09
CA GLN A 322 -2.64 11.87 -11.84
C GLN A 322 -2.31 10.98 -10.64
N GLN A 323 -1.98 9.71 -10.90
CA GLN A 323 -1.54 8.81 -9.85
C GLN A 323 -0.03 8.84 -9.66
N TYR A 324 0.73 8.88 -10.75
CA TYR A 324 2.20 8.79 -10.66
C TYR A 324 2.96 10.11 -10.66
N LEU A 325 2.28 11.21 -10.95
CA LEU A 325 2.84 12.56 -10.72
C LEU A 325 2.21 13.09 -9.44
N ARG A 326 2.97 13.08 -8.36
CA ARG A 326 2.38 13.39 -7.05
C ARG A 326 2.72 14.83 -6.66
N PRO A 327 1.69 15.60 -6.24
CA PRO A 327 1.94 16.99 -5.89
C PRO A 327 2.70 17.12 -4.57
N VAL A 328 3.72 17.98 -4.55
CA VAL A 328 4.45 18.29 -3.34
C VAL A 328 3.98 19.66 -2.83
N GLU A 329 3.48 19.69 -1.59
CA GLU A 329 2.89 20.88 -1.00
C GLU A 329 3.95 21.73 -0.28
N ASP A 330 4.79 21.07 0.51
CA ASP A 330 5.69 21.74 1.46
C ASP A 330 6.96 22.38 0.85
N VAL A 331 6.95 22.67 -0.45
CA VAL A 331 8.08 23.33 -1.09
C VAL A 331 8.04 24.81 -0.72
N ALA A 332 8.69 25.15 0.40
CA ALA A 332 8.75 26.53 0.90
C ALA A 332 9.49 27.46 -0.06
N THR A 333 10.46 26.91 -0.80
CA THR A 333 11.29 27.70 -1.72
C THR A 333 10.63 27.98 -3.09
N SER A 334 9.45 27.40 -3.35
CA SER A 334 8.70 27.65 -4.62
C SER A 334 7.25 28.10 -4.38
N GLN A 335 6.66 28.71 -5.41
CA GLN A 335 5.28 29.24 -5.35
C GLN A 335 4.28 28.50 -6.23
N ASP A 336 4.78 27.67 -7.16
CA ASP A 336 3.96 27.03 -8.21
C ASP A 336 3.41 25.64 -7.81
N ASP A 337 2.61 25.05 -8.72
CA ASP A 337 2.15 23.66 -8.58
C ASP A 337 3.27 22.70 -8.96
N CYS A 338 4.00 22.21 -7.96
CA CYS A 338 5.11 21.29 -8.17
C CYS A 338 4.68 19.82 -8.03
N TYR A 339 5.47 18.93 -8.63
CA TYR A 339 5.19 17.50 -8.60
C TYR A 339 6.46 16.67 -8.54
N LYS A 340 6.35 15.52 -7.89
CA LYS A 340 7.41 14.54 -7.90
C LYS A 340 7.01 13.38 -8.84
N PHE A 341 7.98 12.86 -9.59
CA PHE A 341 7.78 11.66 -10.38
C PHE A 341 7.87 10.51 -9.41
N ALA A 342 6.77 9.77 -9.26
CA ALA A 342 6.65 8.77 -8.21
C ALA A 342 6.71 7.35 -8.73
N ILE A 343 7.47 7.13 -9.80
CA ILE A 343 7.84 5.82 -10.23
C ILE A 343 9.33 5.76 -10.03
N SER A 344 9.82 4.68 -9.44
CA SER A 344 11.23 4.63 -9.08
C SER A 344 11.74 3.23 -9.21
N GLN A 345 13.05 3.09 -9.14
CA GLN A 345 13.70 1.81 -9.36
C GLN A 345 13.85 1.08 -8.04
N SER A 346 13.92 -0.24 -8.10
CA SER A 346 13.91 -1.07 -6.91
C SER A 346 14.93 -2.16 -7.03
N SER A 347 15.45 -2.61 -5.90
CA SER A 347 16.21 -3.86 -5.85
C SER A 347 15.43 -4.96 -5.14
N THR A 348 14.19 -4.69 -4.73
CA THR A 348 13.41 -5.69 -3.99
C THR A 348 12.19 -6.16 -4.79
N GLY A 349 12.13 -5.78 -6.07
CA GLY A 349 11.06 -6.21 -6.96
C GLY A 349 10.07 -5.10 -7.22
N THR A 350 8.93 -5.44 -7.83
CA THR A 350 7.90 -4.44 -8.10
C THR A 350 7.12 -4.21 -6.80
N VAL A 351 6.86 -2.95 -6.50
CA VAL A 351 6.00 -2.62 -5.38
C VAL A 351 4.87 -1.77 -5.90
N MET A 352 3.67 -2.31 -5.81
CA MET A 352 2.47 -1.59 -6.15
C MET A 352 2.02 -0.84 -4.90
N GLY A 353 2.58 0.35 -4.74
CA GLY A 353 2.24 1.19 -3.60
C GLY A 353 1.05 2.08 -3.87
N ALA A 354 1.03 3.21 -3.17
CA ALA A 354 -0.05 4.17 -3.23
C ALA A 354 -0.34 4.66 -4.65
N VAL A 355 0.70 4.78 -5.48
CA VAL A 355 0.50 5.22 -6.88
C VAL A 355 -0.45 4.29 -7.63
N ILE A 356 -0.39 3.00 -7.35
CA ILE A 356 -1.32 2.03 -7.94
C ILE A 356 -2.62 2.05 -7.16
N MET A 357 -2.53 1.86 -5.85
CA MET A 357 -3.73 1.60 -5.04
C MET A 357 -4.72 2.75 -5.02
N GLU A 358 -4.23 3.99 -5.15
CA GLU A 358 -5.11 5.15 -5.20
C GLU A 358 -6.01 5.18 -6.45
N GLY A 359 -5.65 4.39 -7.46
CA GLY A 359 -6.52 4.21 -8.63
C GLY A 359 -7.67 3.26 -8.43
N PHE A 360 -7.57 2.38 -7.43
CA PHE A 360 -8.46 1.24 -7.36
C PHE A 360 -9.00 0.95 -6.00
N TYR A 361 -10.13 0.26 -5.98
CA TYR A 361 -10.60 -0.44 -4.81
C TYR A 361 -9.93 -1.82 -4.81
N VAL A 362 -9.27 -2.16 -3.72
CA VAL A 362 -8.45 -3.37 -3.68
C VAL A 362 -8.95 -4.30 -2.58
N VAL A 363 -9.30 -5.53 -3.00
CA VAL A 363 -9.86 -6.54 -2.11
C VAL A 363 -8.80 -7.60 -1.84
N PHE A 364 -8.41 -7.73 -0.58
CA PHE A 364 -7.42 -8.70 -0.17
C PHE A 364 -8.22 -9.89 0.28
N ASP A 365 -8.52 -10.77 -0.67
CA ASP A 365 -9.39 -11.92 -0.43
C ASP A 365 -8.55 -13.08 0.04
N ARG A 366 -8.21 -13.05 1.32
CA ARG A 366 -7.36 -14.05 1.92
C ARG A 366 -7.98 -15.44 1.89
N ALA A 367 -9.28 -15.52 2.20
CA ALA A 367 -10.01 -16.79 2.15
C ALA A 367 -9.81 -17.55 0.83
N ARG A 368 -9.78 -16.81 -0.28
CA ARG A 368 -9.60 -17.44 -1.60
C ARG A 368 -8.25 -17.17 -2.26
N LYS A 369 -7.27 -16.70 -1.48
CA LYS A 369 -5.90 -16.48 -1.95
C LYS A 369 -5.86 -15.65 -3.22
N ARG A 370 -6.54 -14.51 -3.21
CA ARG A 370 -6.59 -13.67 -4.40
C ARG A 370 -6.77 -12.23 -4.01
N ILE A 371 -6.45 -11.35 -4.94
CA ILE A 371 -6.58 -9.91 -4.74
C ILE A 371 -7.43 -9.36 -5.88
N GLY A 372 -8.48 -8.63 -5.53
CA GLY A 372 -9.37 -8.05 -6.50
C GLY A 372 -9.08 -6.59 -6.71
N PHE A 373 -9.16 -6.16 -7.97
CA PHE A 373 -9.03 -4.76 -8.34
C PHE A 373 -10.30 -4.32 -9.07
N ALA A 374 -10.80 -3.13 -8.73
CA ALA A 374 -11.85 -2.46 -9.48
C ALA A 374 -11.58 -0.95 -9.48
N VAL A 375 -12.09 -0.25 -10.50
CA VAL A 375 -11.93 1.19 -10.57
C VAL A 375 -12.50 1.87 -9.32
N SER A 376 -11.68 2.69 -8.68
CA SER A 376 -12.09 3.35 -7.44
C SER A 376 -13.05 4.49 -7.74
N ALA A 377 -14.16 4.55 -7.02
CA ALA A 377 -15.09 5.65 -7.17
C ALA A 377 -14.52 6.99 -6.67
N CYS A 378 -13.36 6.97 -6.01
CA CYS A 378 -12.72 8.19 -5.52
C CYS A 378 -11.41 8.57 -6.22
N HIS A 379 -11.01 7.84 -7.27
CA HIS A 379 -9.70 8.11 -7.89
C HIS A 379 -9.69 9.42 -8.65
N VAL A 380 -8.53 10.05 -8.68
CA VAL A 380 -8.37 11.36 -9.29
C VAL A 380 -8.13 11.16 -10.79
N HIS A 381 -8.92 11.86 -11.60
CA HIS A 381 -8.80 11.77 -13.06
C HIS A 381 -9.19 13.08 -13.70
N ASP A 382 -9.36 13.09 -15.01
CA ASP A 382 -9.85 14.28 -15.73
C ASP A 382 -11.02 13.91 -16.65
N GLU A 383 -11.50 14.88 -17.43
CA GLU A 383 -12.64 14.66 -18.33
C GLU A 383 -12.32 13.75 -19.52
N PHE A 384 -11.03 13.54 -19.81
CA PHE A 384 -10.61 12.75 -20.98
C PHE A 384 -10.22 11.28 -20.70
N ARG A 385 -9.59 11.02 -19.56
CA ARG A 385 -9.14 9.66 -19.20
C ARG A 385 -9.53 9.32 -17.77
N THR A 386 -9.75 8.03 -17.52
CA THR A 386 -9.97 7.53 -16.15
C THR A 386 -9.16 6.25 -15.95
N ALA A 387 -8.85 5.94 -14.69
CA ALA A 387 -8.24 4.66 -14.37
C ALA A 387 -9.19 3.57 -14.84
N ALA A 388 -8.65 2.40 -15.17
CA ALA A 388 -9.46 1.34 -15.76
C ALA A 388 -9.02 0.00 -15.24
N VAL A 389 -10.00 -0.90 -15.10
CA VAL A 389 -9.75 -2.32 -14.90
C VAL A 389 -10.51 -3.08 -16.01
N GLU A 390 -9.76 -3.70 -16.92
CA GLU A 390 -10.35 -4.33 -18.11
C GLU A 390 -9.91 -5.78 -18.28
N GLY A 391 -10.81 -6.60 -18.78
CA GLY A 391 -10.52 -7.98 -19.11
C GLY A 391 -11.71 -8.62 -19.79
N PRO A 392 -11.60 -9.90 -20.20
CA PRO A 392 -10.42 -10.75 -20.05
C PRO A 392 -9.49 -10.61 -21.24
N PHE A 393 -8.19 -10.81 -21.04
CA PHE A 393 -7.25 -10.89 -22.15
C PHE A 393 -6.64 -12.29 -22.17
N VAL A 394 -6.14 -12.65 -23.34
CA VAL A 394 -5.50 -13.95 -23.56
C VAL A 394 -4.02 -13.73 -23.43
N THR A 395 -3.40 -14.35 -22.42
CA THR A 395 -1.95 -14.22 -22.20
C THR A 395 -1.39 -15.58 -21.90
N LEU A 396 -0.45 -16.05 -22.71
CA LEU A 396 0.16 -17.38 -22.52
C LEU A 396 1.46 -17.31 -21.71
N ASP A 397 1.82 -18.44 -21.11
CA ASP A 397 3.06 -18.62 -20.36
C ASP A 397 3.17 -17.74 -19.13
N MET A 398 2.03 -17.50 -18.47
CA MET A 398 1.99 -16.58 -17.36
C MET A 398 2.75 -17.12 -16.14
N GLU A 399 2.81 -18.44 -16.01
CA GLU A 399 3.56 -19.06 -14.92
C GLU A 399 5.07 -18.83 -15.04
N ASP A 400 5.58 -18.69 -16.26
CA ASP A 400 7.00 -18.38 -16.48
C ASP A 400 7.37 -16.98 -16.02
N CYS A 401 6.38 -16.11 -15.80
CA CYS A 401 6.65 -14.75 -15.38
C CYS A 401 7.11 -14.68 -13.92
N GLY A 402 6.78 -15.70 -13.13
CA GLY A 402 7.21 -15.77 -11.75
C GLY A 402 8.71 -16.02 -11.58
N TYR A 403 9.34 -15.38 -10.59
CA TYR A 403 10.75 -15.61 -10.31
C TYR A 403 10.89 -16.69 -9.24
N ASN A 404 11.85 -17.58 -9.44
CA ASN A 404 12.21 -18.61 -8.45
C ASN A 404 13.72 -18.61 -8.25
N ILE A 405 14.16 -18.73 -7.00
CA ILE A 405 15.58 -18.78 -6.66
C ILE A 405 16.26 -20.00 -7.31
I IOD B . 10.92 5.16 20.37
I IOD C . 14.12 9.26 14.61
I IOD D . 19.17 -6.36 -12.63
C1 GOL E . 0.36 10.36 28.70
O1 GOL E . 0.42 11.69 29.26
C2 GOL E . -0.14 10.38 27.25
O2 GOL E . 0.54 11.41 26.51
C3 GOL E . 0.15 9.01 26.65
O3 GOL E . -0.33 8.89 25.31
S SO4 F . -16.37 -14.00 -2.20
O1 SO4 F . -16.57 -13.53 -3.58
O2 SO4 F . -17.50 -14.80 -1.76
O3 SO4 F . -16.36 -12.80 -1.31
O4 SO4 F . -15.22 -14.84 -2.24
C16 68L G . 9.51 -5.66 8.93
O3 68L G . 10.07 -6.98 8.70
C17 68L G . 9.33 -7.72 7.72
C18 68L G . 9.09 -6.92 6.44
C19 68L G . 8.84 -5.55 6.67
C15 68L G . 9.04 -4.88 7.86
C11 68L G . 8.78 -3.50 8.04
C12 68L G . 8.29 -2.69 7.01
N1 68L G . 8.98 -2.96 9.26
C10 68L G . 8.75 -1.67 9.51
C7 68L G . 8.27 -0.81 8.53
O1 68L G . 8.07 0.48 8.87
C8 68L G . 8.05 -1.33 7.26
C9 68L G . 7.50 -0.45 6.15
C13 68L G . 8.44 -0.31 4.94
O2 68L G . 7.61 -0.52 3.78
C14 68L G . 6.42 -1.05 4.21
N3 68L G . 6.30 -1.09 5.53
N4 68L G . 5.49 -1.53 3.37
C5 68L G . 7.11 0.90 6.70
C6 68L G . 6.42 1.77 5.87
C4 68L G . 7.42 1.30 8.01
C3 68L G . 7.02 2.55 8.44
C2 68L G . 6.33 3.42 7.60
C1 68L G . 6.04 3.03 6.28
N2 68L G . 5.35 3.77 5.40
C20 68L G . 5.06 5.07 5.44
O4 68L G . 5.49 5.87 6.26
C21 68L G . 4.18 5.53 4.30
C25 68L G . 4.26 6.80 3.73
C24 68L G . 3.41 7.13 2.67
C23 68L G . 2.50 6.18 2.22
CL1 68L G . 1.38 6.48 0.92
C22 68L G . 2.47 4.94 2.82
N5 68L G . 3.29 4.64 3.82
#